data_4FNC
#
_entry.id   4FNC
#
_cell.length_a   90.96
_cell.length_b   53.72
_cell.length_c   81.56
_cell.angle_alpha   90.00
_cell.angle_beta   96.49
_cell.angle_gamma   90.00
#
_symmetry.space_group_name_H-M   'C 1 2 1'
#
loop_
_entity.id
_entity.type
_entity.pdbx_description
1 polymer 'G/T mismatch-specific thymine DNA glycosylase'
2 polymer 'DNA (28-MER)'
3 polymer 'DNA (29-MER)'
4 non-polymer '5-HYDROXYMETHYL URACIL'
5 water water
#
loop_
_entity_poly.entity_id
_entity_poly.type
_entity_poly.pdbx_seq_one_letter_code
_entity_poly.pdbx_strand_id
1 'polypeptide(L)'
;GSHMASFNGVSEAELLTKTLPDILTFNLDIVIIGINPGLMAAYKGHHYPGPGNHFWKCLFMSGLSEVQLNHMDDHTLPGK
YGIGFTNMVERTTPGSKDLSSKEFREGGRILVQKLQKYQPRIAVFNGKCIYEIFSKEVFGVKVKNLEFGLQPHKIPDTET
LCYVMPSSSARCAQFPRAQDKVHYYIKLKDLRDQLKGIERNMDV
;
A
2 'polydeoxyribonucleotide'
;(DC)(DA)(DG)(DC)(DT)(DC)(DT)(DG)(DT)(DA)(DC)(DG)(DT)(DG)(DA)(DG)(DC)(DA)(DG)(DT)
(DG)(DG)(DA)(DC)(DA)(DG)(DC)(DT)
;
C
3 'polydeoxyribonucleotide'
;(DA)(DG)(DC)(DT)(DG)(DT)(DC)(DC)(DA)(DC)(DT)(DG)(DC)(DT)(DC)(DA)(AAB)(DG)(DT)
(DA)(DC)(DA)(DG)(DA)(DG)(DC)(DT)(DG)(DT)
;
D
#
# COMPACT_ATOMS: atom_id res chain seq x y z
N SER A 6 -20.63 -8.44 15.41
CA SER A 6 -21.19 -7.29 14.71
C SER A 6 -20.43 -6.00 15.05
N PHE A 7 -20.03 -5.27 14.02
CA PHE A 7 -19.33 -4.00 14.18
C PHE A 7 -20.33 -2.88 14.45
N ASN A 8 -20.64 -2.67 15.73
CA ASN A 8 -21.65 -1.69 16.15
C ASN A 8 -22.97 -1.88 15.41
N GLY A 9 -23.47 -3.11 15.42
CA GLY A 9 -24.74 -3.43 14.79
C GLY A 9 -24.60 -3.92 13.36
N VAL A 10 -23.60 -3.41 12.65
CA VAL A 10 -23.39 -3.79 11.26
C VAL A 10 -22.90 -5.22 11.11
N SER A 11 -23.63 -6.01 10.33
CA SER A 11 -23.30 -7.42 10.11
C SER A 11 -22.08 -7.56 9.20
N GLU A 12 -21.41 -8.70 9.32
CA GLU A 12 -20.26 -9.00 8.47
C GLU A 12 -20.68 -9.15 7.02
N ALA A 13 -21.95 -9.49 6.80
CA ALA A 13 -22.49 -9.62 5.45
C ALA A 13 -22.49 -8.28 4.72
N GLU A 14 -22.94 -7.24 5.41
CA GLU A 14 -22.99 -5.90 4.82
C GLU A 14 -21.60 -5.38 4.50
N LEU A 15 -20.63 -5.73 5.34
CA LEU A 15 -19.26 -5.28 5.15
C LEU A 15 -18.57 -5.94 3.95
N LEU A 16 -18.93 -7.19 3.66
CA LEU A 16 -18.31 -7.90 2.53
C LEU A 16 -18.65 -7.25 1.19
N THR A 17 -19.77 -6.54 1.14
CA THR A 17 -20.22 -5.90 -0.09
C THR A 17 -19.58 -4.53 -0.26
N LYS A 18 -19.25 -3.88 0.85
CA LYS A 18 -18.70 -2.52 0.80
C LYS A 18 -17.28 -2.49 0.22
N THR A 19 -16.93 -1.38 -0.41
CA THR A 19 -15.60 -1.19 -0.98
C THR A 19 -14.92 0.04 -0.38
N LEU A 20 -13.60 0.10 -0.51
CA LEU A 20 -12.82 1.21 0.03
C LEU A 20 -12.35 2.13 -1.10
N PRO A 21 -12.83 3.39 -1.09
CA PRO A 21 -12.53 4.31 -2.18
C PRO A 21 -11.06 4.69 -2.25
N ASP A 22 -10.50 4.72 -3.45
CA ASP A 22 -9.12 5.14 -3.63
C ASP A 22 -8.96 6.61 -3.28
N ILE A 23 -7.74 6.99 -2.92
CA ILE A 23 -7.40 8.39 -2.71
C ILE A 23 -6.19 8.70 -3.58
N LEU A 24 -6.45 9.10 -4.81
CA LEU A 24 -5.38 9.29 -5.79
C LEU A 24 -5.45 10.67 -6.46
N THR A 25 -4.30 11.31 -6.57
CA THR A 25 -4.17 12.53 -7.35
C THR A 25 -2.92 12.38 -8.20
N PHE A 26 -2.63 13.41 -9.00
CA PHE A 26 -1.42 13.39 -9.82
C PHE A 26 -0.24 13.97 -9.05
N ASN A 27 0.97 13.76 -9.57
CA ASN A 27 2.19 14.30 -8.99
C ASN A 27 2.42 13.91 -7.53
N LEU A 28 1.93 12.73 -7.15
CA LEU A 28 2.16 12.21 -5.81
C LEU A 28 3.56 11.64 -5.70
N ASP A 29 4.10 11.62 -4.49
CA ASP A 29 5.41 11.02 -4.26
C ASP A 29 5.25 9.53 -4.01
N ILE A 30 4.26 9.20 -3.20
CA ILE A 30 4.08 7.83 -2.72
C ILE A 30 2.64 7.36 -2.84
N VAL A 31 2.44 6.21 -3.45
CA VAL A 31 1.14 5.55 -3.40
C VAL A 31 1.24 4.26 -2.61
N ILE A 32 0.61 4.25 -1.44
CA ILE A 32 0.58 3.06 -0.61
C ILE A 32 -0.44 2.06 -1.14
N ILE A 33 0.05 0.98 -1.75
CA ILE A 33 -0.81 -0.06 -2.32
C ILE A 33 -1.04 -1.19 -1.33
N GLY A 34 -2.24 -1.28 -0.79
CA GLY A 34 -2.59 -2.38 0.11
C GLY A 34 -2.94 -3.63 -0.67
N ILE A 35 -3.30 -4.68 0.06
CA ILE A 35 -3.70 -5.93 -0.57
C ILE A 35 -5.16 -5.82 -1.02
N ASN A 36 -6.04 -5.74 -0.04
CA ASN A 36 -7.47 -5.63 -0.28
C ASN A 36 -8.12 -5.22 1.03
N PRO A 37 -9.27 -4.53 0.97
CA PRO A 37 -9.93 -4.02 2.17
C PRO A 37 -10.28 -5.09 3.19
N GLY A 38 -9.86 -4.89 4.44
CA GLY A 38 -10.29 -5.73 5.53
C GLY A 38 -11.64 -5.25 6.04
N LEU A 39 -12.22 -5.97 6.99
CA LEU A 39 -13.54 -5.64 7.52
C LEU A 39 -13.62 -4.22 8.09
N MET A 40 -12.68 -3.90 8.97
CA MET A 40 -12.65 -2.58 9.61
C MET A 40 -12.46 -1.47 8.60
N ALA A 41 -11.73 -1.76 7.53
CA ALA A 41 -11.48 -0.79 6.47
C ALA A 41 -12.75 -0.47 5.70
N ALA A 42 -13.57 -1.49 5.46
CA ALA A 42 -14.81 -1.31 4.73
C ALA A 42 -15.83 -0.59 5.60
N TYR A 43 -15.77 -0.85 6.90
CA TYR A 43 -16.66 -0.20 7.86
C TYR A 43 -16.39 1.29 7.93
N LYS A 44 -15.17 1.65 8.30
CA LYS A 44 -14.80 3.05 8.51
C LYS A 44 -14.77 3.87 7.22
N GLY A 45 -14.54 3.20 6.10
CA GLY A 45 -14.37 3.89 4.84
C GLY A 45 -13.08 4.69 4.80
N HIS A 46 -12.11 4.29 5.62
CA HIS A 46 -10.80 4.91 5.61
C HIS A 46 -9.71 3.85 5.60
N HIS A 47 -8.55 4.20 5.07
CA HIS A 47 -7.45 3.24 4.91
C HIS A 47 -6.71 2.94 6.21
N TYR A 48 -6.51 1.64 6.45
CA TYR A 48 -5.81 1.14 7.63
C TYR A 48 -6.35 1.65 8.97
N PRO A 49 -7.64 1.38 9.26
CA PRO A 49 -8.21 1.83 10.52
C PRO A 49 -7.98 0.81 11.63
N GLY A 50 -7.38 -0.33 11.28
CA GLY A 50 -7.10 -1.38 12.23
C GLY A 50 -6.36 -0.85 13.45
N PRO A 51 -6.95 -1.04 14.64
CA PRO A 51 -6.34 -0.56 15.88
C PRO A 51 -4.99 -1.22 16.12
N GLY A 52 -4.83 -2.44 15.60
CA GLY A 52 -3.59 -3.17 15.72
C GLY A 52 -2.65 -2.94 14.54
N ASN A 53 -3.21 -2.52 13.42
CA ASN A 53 -2.42 -2.28 12.21
C ASN A 53 -1.31 -1.27 12.47
N HIS A 54 -0.15 -1.52 11.86
CA HIS A 54 1.07 -0.78 12.18
C HIS A 54 1.34 0.38 11.23
N PHE A 55 0.50 0.53 10.21
CA PHE A 55 0.74 1.53 9.18
C PHE A 55 0.96 2.97 9.68
N TRP A 56 0.02 3.48 10.46
CA TRP A 56 0.07 4.88 10.89
C TRP A 56 1.21 5.11 11.88
N LYS A 57 1.31 4.23 12.86
CA LYS A 57 2.42 4.27 13.81
C LYS A 57 3.77 4.31 13.09
N CYS A 58 3.91 3.50 12.05
CA CYS A 58 5.14 3.47 11.26
C CYS A 58 5.32 4.72 10.39
N LEU A 59 4.21 5.36 10.03
CA LEU A 59 4.27 6.58 9.25
C LEU A 59 4.85 7.69 10.11
N PHE A 60 4.58 7.61 11.42
CA PHE A 60 5.03 8.61 12.38
C PHE A 60 6.45 8.34 12.87
N MET A 61 6.70 7.12 13.34
CA MET A 61 8.02 6.74 13.84
C MET A 61 9.11 6.93 12.79
N SER A 62 8.73 6.91 11.53
CA SER A 62 9.68 7.09 10.44
C SER A 62 9.79 8.55 10.04
N GLY A 63 8.88 9.37 10.57
CA GLY A 63 8.89 10.80 10.27
C GLY A 63 8.37 11.12 8.89
N LEU A 64 7.63 10.19 8.30
CA LEU A 64 6.96 10.44 7.03
C LEU A 64 5.78 11.38 7.22
N SER A 65 5.28 11.44 8.45
CA SER A 65 4.13 12.28 8.76
C SER A 65 4.44 13.31 9.84
N GLU A 66 5.56 13.14 10.52
CA GLU A 66 6.01 14.01 11.63
C GLU A 66 4.97 14.31 12.73
N VAL A 67 3.75 13.82 12.57
CA VAL A 67 2.70 13.92 13.56
C VAL A 67 1.97 12.58 13.59
N GLN A 68 1.53 12.13 14.76
CA GLN A 68 0.83 10.86 14.85
C GLN A 68 -0.59 10.97 14.31
N LEU A 69 -0.79 10.48 13.09
CA LEU A 69 -2.09 10.51 12.43
C LEU A 69 -2.82 9.19 12.63
N ASN A 70 -4.07 9.15 12.17
CA ASN A 70 -4.81 7.90 12.08
C ASN A 70 -5.56 7.81 10.76
N HIS A 71 -6.46 6.85 10.64
CA HIS A 71 -7.16 6.61 9.38
C HIS A 71 -8.04 7.78 8.92
N MET A 72 -8.52 8.58 9.87
CA MET A 72 -9.38 9.71 9.52
C MET A 72 -8.69 10.79 8.69
N ASP A 73 -7.36 10.78 8.71
CA ASP A 73 -6.61 11.81 8.00
C ASP A 73 -6.13 11.38 6.62
N ASP A 74 -6.57 10.21 6.17
CA ASP A 74 -6.09 9.66 4.91
C ASP A 74 -6.39 10.55 3.71
N HIS A 75 -7.54 11.22 3.73
CA HIS A 75 -7.91 12.12 2.65
C HIS A 75 -7.10 13.41 2.65
N THR A 76 -6.47 13.73 3.80
CA THR A 76 -5.62 14.91 3.89
C THR A 76 -4.16 14.62 3.52
N LEU A 77 -3.86 13.36 3.21
CA LEU A 77 -2.48 12.95 2.91
C LEU A 77 -1.90 13.40 1.56
N PRO A 78 -2.68 13.30 0.46
CA PRO A 78 -2.06 13.67 -0.82
C PRO A 78 -1.61 15.13 -0.89
N GLY A 79 -2.41 16.02 -0.35
CA GLY A 79 -2.08 17.44 -0.37
C GLY A 79 -0.94 17.79 0.57
N LYS A 80 -1.07 17.35 1.82
CA LYS A 80 -0.08 17.67 2.85
C LYS A 80 1.22 16.87 2.71
N TYR A 81 1.10 15.55 2.64
CA TYR A 81 2.27 14.68 2.72
C TYR A 81 2.65 14.02 1.40
N GLY A 82 1.84 14.21 0.36
CA GLY A 82 2.13 13.65 -0.95
C GLY A 82 1.93 12.14 -1.03
N ILE A 83 1.05 11.63 -0.17
CA ILE A 83 0.80 10.19 -0.12
C ILE A 83 -0.64 9.84 -0.54
N GLY A 84 -0.75 8.84 -1.42
CA GLY A 84 -2.05 8.38 -1.86
C GLY A 84 -2.30 6.92 -1.48
N PHE A 85 -3.55 6.49 -1.62
CA PHE A 85 -3.93 5.13 -1.24
C PHE A 85 -4.72 4.40 -2.32
N THR A 86 -4.44 3.11 -2.44
CA THR A 86 -5.26 2.19 -3.23
C THR A 86 -4.89 0.77 -2.84
N ASN A 87 -5.57 -0.21 -3.42
CA ASN A 87 -5.31 -1.60 -3.11
C ASN A 87 -5.11 -2.43 -4.36
N MET A 88 -4.53 -3.63 -4.18
CA MET A 88 -4.37 -4.57 -5.28
C MET A 88 -5.76 -5.05 -5.72
N VAL A 89 -6.55 -5.53 -4.76
CA VAL A 89 -7.90 -5.98 -5.02
C VAL A 89 -8.90 -5.09 -4.29
N GLU A 90 -10.02 -4.78 -4.95
CA GLU A 90 -11.03 -3.89 -4.38
C GLU A 90 -12.02 -4.61 -3.47
N ARG A 91 -12.25 -5.89 -3.76
CA ARG A 91 -13.23 -6.68 -3.02
C ARG A 91 -12.85 -6.85 -1.55
N THR A 92 -13.81 -6.60 -0.65
CA THR A 92 -13.57 -6.71 0.77
C THR A 92 -13.65 -8.14 1.28
N THR A 93 -12.54 -8.61 1.85
CA THR A 93 -12.49 -9.92 2.50
C THR A 93 -11.76 -9.77 3.83
N PRO A 94 -12.01 -10.70 4.78
CA PRO A 94 -11.30 -10.71 6.07
C PRO A 94 -9.77 -10.62 5.95
N GLY A 95 -9.20 -11.05 4.83
CA GLY A 95 -7.79 -10.81 4.57
C GLY A 95 -6.99 -11.91 3.89
N SER A 96 -6.16 -11.50 2.94
CA SER A 96 -5.17 -12.37 2.30
C SER A 96 -5.73 -13.63 1.65
N LYS A 97 -5.72 -14.73 2.40
CA LYS A 97 -5.98 -16.07 1.86
C LYS A 97 -7.37 -16.26 1.26
N ASP A 98 -8.25 -15.27 1.44
CA ASP A 98 -9.62 -15.38 0.99
C ASP A 98 -9.78 -15.08 -0.50
N LEU A 99 -8.75 -14.49 -1.10
CA LEU A 99 -8.79 -14.07 -2.49
C LEU A 99 -8.21 -15.12 -3.43
N SER A 100 -8.69 -15.12 -4.68
CA SER A 100 -8.21 -16.08 -5.68
C SER A 100 -7.10 -15.48 -6.53
N SER A 101 -6.39 -16.35 -7.25
CA SER A 101 -5.30 -15.92 -8.12
C SER A 101 -5.82 -15.06 -9.26
N LYS A 102 -7.00 -15.40 -9.76
CA LYS A 102 -7.62 -14.65 -10.85
C LYS A 102 -7.95 -13.24 -10.39
N GLU A 103 -8.42 -13.12 -9.15
CA GLU A 103 -8.76 -11.82 -8.58
C GLU A 103 -7.53 -10.92 -8.46
N PHE A 104 -6.43 -11.48 -7.96
CA PHE A 104 -5.19 -10.74 -7.79
C PHE A 104 -4.64 -10.22 -9.12
N ARG A 105 -4.65 -11.08 -10.13
CA ARG A 105 -4.14 -10.69 -11.44
C ARG A 105 -5.07 -9.70 -12.14
N GLU A 106 -6.37 -9.86 -11.95
CA GLU A 106 -7.30 -8.85 -12.44
C GLU A 106 -6.96 -7.52 -11.78
N GLY A 107 -6.78 -7.56 -10.46
CA GLY A 107 -6.42 -6.38 -9.70
C GLY A 107 -5.12 -5.76 -10.19
N GLY A 108 -4.13 -6.60 -10.46
CA GLY A 108 -2.87 -6.15 -11.01
C GLY A 108 -3.03 -5.38 -12.31
N ARG A 109 -3.95 -5.83 -13.16
CA ARG A 109 -4.23 -5.15 -14.43
C ARG A 109 -4.82 -3.78 -14.17
N ILE A 110 -5.84 -3.73 -13.31
CA ILE A 110 -6.44 -2.47 -12.89
C ILE A 110 -5.39 -1.59 -12.20
N LEU A 111 -4.52 -2.22 -11.41
CA LEU A 111 -3.50 -1.48 -10.66
C LEU A 111 -2.45 -0.88 -11.58
N VAL A 112 -1.90 -1.69 -12.48
CA VAL A 112 -0.84 -1.21 -13.35
C VAL A 112 -1.39 -0.11 -14.26
N GLN A 113 -2.69 -0.20 -14.56
CA GLN A 113 -3.36 0.80 -15.35
C GLN A 113 -3.45 2.12 -14.57
N LYS A 114 -3.92 2.03 -13.33
CA LYS A 114 -4.00 3.19 -12.45
C LYS A 114 -2.63 3.82 -12.25
N LEU A 115 -1.61 2.97 -12.10
CA LEU A 115 -0.26 3.47 -11.84
C LEU A 115 0.30 4.27 -13.01
N GLN A 116 0.05 3.81 -14.22
CA GLN A 116 0.57 4.51 -15.40
C GLN A 116 -0.29 5.70 -15.80
N LYS A 117 -1.32 5.98 -14.99
CA LYS A 117 -2.17 7.14 -15.21
C LYS A 117 -1.73 8.30 -14.32
N TYR A 118 -1.82 8.11 -13.01
CA TYR A 118 -1.41 9.13 -12.06
C TYR A 118 0.10 9.24 -11.95
N GLN A 119 0.77 8.13 -12.24
CA GLN A 119 2.24 8.00 -12.14
C GLN A 119 2.92 8.79 -11.02
N PRO A 120 2.90 8.24 -9.80
CA PRO A 120 3.59 8.81 -8.65
C PRO A 120 5.07 8.49 -8.76
N ARG A 121 5.88 9.00 -7.85
CA ARG A 121 7.30 8.70 -7.88
C ARG A 121 7.54 7.24 -7.51
N ILE A 122 6.95 6.81 -6.40
CA ILE A 122 7.20 5.46 -5.89
C ILE A 122 5.91 4.71 -5.59
N ALA A 123 5.68 3.61 -6.31
CA ALA A 123 4.57 2.73 -5.99
C ALA A 123 4.96 1.80 -4.84
N VAL A 124 4.35 2.03 -3.67
CA VAL A 124 4.69 1.28 -2.48
C VAL A 124 3.76 0.08 -2.28
N PHE A 125 4.31 -1.12 -2.43
CA PHE A 125 3.54 -2.33 -2.18
C PHE A 125 3.56 -2.67 -0.70
N ASN A 126 2.45 -2.39 -0.03
CA ASN A 126 2.31 -2.76 1.38
C ASN A 126 2.01 -4.25 1.51
N GLY A 127 3.04 -5.05 1.26
CA GLY A 127 2.92 -6.50 1.33
C GLY A 127 3.80 -7.16 0.29
N LYS A 128 4.52 -8.19 0.70
CA LYS A 128 5.40 -8.91 -0.23
C LYS A 128 4.57 -9.71 -1.21
N CYS A 129 3.58 -10.43 -0.69
CA CYS A 129 2.72 -11.33 -1.47
C CYS A 129 2.19 -10.67 -2.75
N ILE A 130 1.62 -9.48 -2.60
CA ILE A 130 1.01 -8.80 -3.74
C ILE A 130 2.00 -8.34 -4.78
N TYR A 131 3.25 -8.13 -4.38
CA TYR A 131 4.27 -7.80 -5.38
C TYR A 131 4.73 -9.04 -6.15
N GLU A 132 4.77 -10.18 -5.47
CA GLU A 132 5.12 -11.44 -6.13
C GLU A 132 4.21 -11.68 -7.32
N ILE A 133 2.91 -11.46 -7.09
CA ILE A 133 1.90 -11.60 -8.12
C ILE A 133 2.06 -10.50 -9.17
N PHE A 134 2.33 -9.28 -8.71
CA PHE A 134 2.47 -8.13 -9.60
C PHE A 134 3.67 -8.29 -10.52
N SER A 135 4.80 -8.69 -9.95
CA SER A 135 6.03 -8.86 -10.71
C SER A 135 5.86 -9.91 -11.80
N LYS A 136 5.25 -11.03 -11.44
CA LYS A 136 5.08 -12.15 -12.36
C LYS A 136 4.15 -11.79 -13.51
N GLU A 137 3.14 -10.97 -13.21
CA GLU A 137 2.14 -10.59 -14.20
C GLU A 137 2.60 -9.43 -15.09
N VAL A 138 3.15 -8.40 -14.46
CA VAL A 138 3.52 -7.18 -15.18
C VAL A 138 4.90 -7.27 -15.84
N PHE A 139 5.85 -7.88 -15.13
CA PHE A 139 7.23 -7.95 -15.63
C PHE A 139 7.60 -9.34 -16.14
N GLY A 140 6.68 -10.29 -15.99
CA GLY A 140 6.92 -11.66 -16.41
C GLY A 140 8.12 -12.30 -15.75
N VAL A 141 8.43 -11.84 -14.54
CA VAL A 141 9.63 -12.28 -13.84
C VAL A 141 9.35 -12.81 -12.44
N LYS A 142 9.78 -14.04 -12.18
CA LYS A 142 9.69 -14.63 -10.85
C LYS A 142 11.08 -14.99 -10.34
N VAL A 143 11.55 -14.23 -9.36
CA VAL A 143 12.89 -14.44 -8.81
C VAL A 143 12.83 -15.35 -7.59
N LYS A 144 13.84 -16.21 -7.44
CA LYS A 144 13.92 -17.11 -6.30
C LYS A 144 13.87 -16.36 -4.98
N ASN A 145 14.80 -15.42 -4.81
CA ASN A 145 14.86 -14.66 -3.57
C ASN A 145 14.37 -13.22 -3.73
N LEU A 146 13.05 -13.05 -3.78
CA LEU A 146 12.47 -11.73 -3.77
C LEU A 146 12.76 -11.07 -2.43
N GLU A 147 13.28 -9.85 -2.47
CA GLU A 147 13.62 -9.13 -1.26
C GLU A 147 12.74 -7.90 -1.09
N PHE A 148 12.75 -7.32 0.11
CA PHE A 148 12.02 -6.09 0.35
C PHE A 148 12.77 -4.92 -0.26
N GLY A 149 12.20 -3.73 -0.18
CA GLY A 149 12.88 -2.54 -0.65
C GLY A 149 12.69 -2.24 -2.12
N LEU A 150 13.66 -1.55 -2.70
CA LEU A 150 13.57 -1.12 -4.09
C LEU A 150 13.64 -2.30 -5.05
N GLN A 151 12.91 -2.20 -6.15
CA GLN A 151 12.83 -3.28 -7.14
C GLN A 151 13.45 -2.86 -8.48
N PRO A 152 14.03 -3.83 -9.20
CA PRO A 152 14.77 -3.58 -10.45
C PRO A 152 13.94 -3.02 -11.60
N HIS A 153 12.62 -3.02 -11.48
CA HIS A 153 11.77 -2.62 -12.61
C HIS A 153 10.80 -1.49 -12.29
N LYS A 154 10.78 -0.47 -13.13
CA LYS A 154 9.78 0.59 -13.05
C LYS A 154 8.51 0.07 -13.68
N ILE A 155 7.36 0.58 -13.22
CA ILE A 155 6.11 0.20 -13.86
C ILE A 155 6.12 0.74 -15.30
N PRO A 156 5.74 -0.11 -16.26
CA PRO A 156 5.96 0.11 -17.70
C PRO A 156 5.49 1.47 -18.23
N ASP A 157 6.28 2.02 -19.15
CA ASP A 157 5.98 3.29 -19.80
C ASP A 157 5.95 4.49 -18.86
N THR A 158 6.56 4.34 -17.68
CA THR A 158 6.69 5.44 -16.74
C THR A 158 8.04 5.43 -16.07
N GLU A 159 8.20 6.29 -15.05
CA GLU A 159 9.40 6.34 -14.25
C GLU A 159 9.09 5.98 -12.81
N THR A 160 7.87 5.52 -12.56
CA THR A 160 7.44 5.13 -11.22
C THR A 160 8.18 3.89 -10.75
N LEU A 161 8.83 4.01 -9.60
CA LEU A 161 9.62 2.90 -9.05
C LEU A 161 8.76 1.97 -8.22
N CYS A 162 9.25 0.76 -7.99
CA CYS A 162 8.53 -0.21 -7.17
C CYS A 162 9.26 -0.50 -5.88
N TYR A 163 8.58 -0.28 -4.77
CA TYR A 163 9.17 -0.46 -3.45
C TYR A 163 8.28 -1.36 -2.61
N VAL A 164 8.87 -2.42 -2.07
CA VAL A 164 8.11 -3.43 -1.34
C VAL A 164 8.42 -3.38 0.14
N MET A 165 7.38 -3.50 0.96
CA MET A 165 7.52 -3.50 2.40
C MET A 165 6.74 -4.67 2.99
N PRO A 166 7.10 -5.11 4.20
CA PRO A 166 6.29 -6.06 4.95
C PRO A 166 4.90 -5.49 5.16
N SER A 167 3.87 -6.32 5.10
CA SER A 167 2.50 -5.85 5.27
C SER A 167 2.28 -5.20 6.63
N SER A 168 1.64 -4.03 6.62
CA SER A 168 1.41 -3.28 7.85
C SER A 168 0.45 -4.00 8.79
N SER A 169 -0.15 -5.08 8.30
CA SER A 169 -1.00 -5.93 9.12
C SER A 169 -0.18 -6.55 10.24
N ALA A 170 -0.80 -6.75 11.40
CA ALA A 170 -0.10 -7.25 12.57
C ALA A 170 -0.15 -8.78 12.60
N ARG A 171 -0.69 -9.38 11.54
CA ARG A 171 -0.75 -10.83 11.43
C ARG A 171 0.65 -11.39 11.17
N CYS A 172 1.54 -10.55 10.67
CA CYS A 172 2.88 -10.96 10.29
C CYS A 172 3.74 -11.26 11.52
N ALA A 173 4.05 -12.53 11.74
CA ALA A 173 4.81 -12.93 12.92
C ALA A 173 6.30 -12.64 12.80
N GLN A 174 6.83 -12.59 11.58
CA GLN A 174 8.25 -12.35 11.37
C GLN A 174 8.63 -10.89 11.58
N PHE A 175 7.62 -10.03 11.70
CA PHE A 175 7.83 -8.63 12.06
C PHE A 175 6.79 -8.23 13.09
N PRO A 176 6.94 -8.74 14.32
CA PRO A 176 5.91 -8.69 15.37
C PRO A 176 5.45 -7.28 15.73
N ARG A 177 6.33 -6.29 15.60
CA ARG A 177 6.03 -4.95 16.06
C ARG A 177 6.24 -3.90 14.98
N ALA A 178 5.63 -2.73 15.18
CA ALA A 178 5.80 -1.63 14.25
C ALA A 178 7.27 -1.21 14.17
N GLN A 179 8.00 -1.41 15.27
CA GLN A 179 9.42 -1.12 15.32
C GLN A 179 10.19 -2.02 14.36
N ASP A 180 9.67 -3.22 14.13
CA ASP A 180 10.32 -4.20 13.26
C ASP A 180 10.10 -3.87 11.79
N LYS A 181 9.15 -3.00 11.50
CA LYS A 181 8.83 -2.65 10.13
C LYS A 181 9.24 -1.22 9.79
N VAL A 182 9.40 -0.39 10.81
CA VAL A 182 9.66 1.04 10.62
C VAL A 182 10.90 1.30 9.78
N HIS A 183 11.84 0.36 9.80
CA HIS A 183 13.06 0.44 9.00
C HIS A 183 12.79 0.66 7.51
N TYR A 184 11.83 -0.09 6.96
CA TYR A 184 11.52 0.01 5.54
C TYR A 184 10.80 1.30 5.18
N TYR A 185 10.08 1.86 6.15
CA TYR A 185 9.42 3.16 5.97
C TYR A 185 10.49 4.25 5.92
N ILE A 186 11.49 4.13 6.78
CA ILE A 186 12.57 5.10 6.85
C ILE A 186 13.35 5.14 5.54
N LYS A 187 13.68 3.97 5.01
CA LYS A 187 14.35 3.89 3.71
C LYS A 187 13.43 4.31 2.57
N LEU A 188 12.12 4.22 2.80
CA LEU A 188 11.16 4.72 1.82
C LEU A 188 11.24 6.24 1.80
N LYS A 189 11.31 6.83 2.99
CA LYS A 189 11.45 8.27 3.13
C LYS A 189 12.76 8.73 2.50
N ASP A 190 13.82 7.95 2.70
CA ASP A 190 15.13 8.30 2.16
C ASP A 190 15.09 8.22 0.64
N LEU A 191 14.42 7.19 0.13
CA LEU A 191 14.26 7.02 -1.30
C LEU A 191 13.55 8.22 -1.91
N ARG A 192 12.48 8.65 -1.26
CA ARG A 192 11.71 9.81 -1.70
C ARG A 192 12.60 11.04 -1.81
N ASP A 193 13.37 11.29 -0.75
CA ASP A 193 14.25 12.45 -0.69
C ASP A 193 15.36 12.39 -1.74
N GLN A 194 15.89 11.21 -1.99
CA GLN A 194 16.91 11.04 -3.00
C GLN A 194 16.34 11.31 -4.39
N LEU A 195 15.05 11.05 -4.57
CA LEU A 195 14.37 11.28 -5.83
C LEU A 195 14.03 12.74 -6.06
N LYS A 196 13.57 13.41 -5.01
CA LYS A 196 13.28 14.84 -5.07
C LYS A 196 14.54 15.63 -5.41
N GLY A 197 15.64 15.27 -4.75
CA GLY A 197 16.92 15.93 -4.98
C GLY A 197 17.49 15.64 -6.35
N ILE A 198 17.33 14.40 -6.81
CA ILE A 198 17.82 14.00 -8.13
C ILE A 198 17.11 14.75 -9.24
N GLU A 199 15.87 15.15 -8.97
CA GLU A 199 15.08 15.90 -9.93
C GLU A 199 15.40 17.40 -9.86
N ARG A 200 15.53 17.90 -8.63
CA ARG A 200 15.81 19.32 -8.40
C ARG A 200 17.18 19.74 -8.93
N ASN A 201 18.04 18.76 -9.19
CA ASN A 201 19.38 19.04 -9.71
C ASN A 201 19.32 19.46 -11.17
#